data_6J0L
#
_entry.id   6J0L
#
_cell.length_a   80.067
_cell.length_b   73.470
_cell.length_c   74.896
_cell.angle_alpha   90.00
_cell.angle_beta   111.39
_cell.angle_gamma   90.00
#
_symmetry.space_group_name_H-M   'C 1 2 1'
#
loop_
_entity.id
_entity.type
_entity.pdbx_description
1 polymer 'Butyrophilin subfamily 3 member A3'
2 non-polymer 'SULFATE ION'
3 water water
#
_entity_poly.entity_id   1
_entity_poly.type   'polypeptide(L)'
_entity_poly.pdbx_seq_one_letter_code
;MGSSHHHHHHSSGLVPRGSHMENLYFQGAGAGAAYHEWKMALFKPADVILDPDTANAILLVSEDQRSVQRAEEPRDLPDN
PERFEWHYCVLGCENFTSGRHYWEVEVGDRKEWHIGVCSKNVERKKGWVKMTPENGYWTMGLTDGNKYRALTEPRTNLKL
PEPPRKVGIFLDYETGEISFYNATDGSHIYTFPHASFSEPLYPVFRILTLEPTALTICPIP
;
_entity_poly.pdbx_strand_id   A,B
#
loop_
_chem_comp.id
_chem_comp.type
_chem_comp.name
_chem_comp.formula
SO4 non-polymer 'SULFATE ION' 'O4 S -2'
#
# COMPACT_ATOMS: atom_id res chain seq x y z
N TYR A 35 -4.86 -9.09 32.13
CA TYR A 35 -5.31 -7.67 32.18
C TYR A 35 -4.14 -6.74 32.53
N HIS A 36 -4.49 -5.50 32.88
CA HIS A 36 -3.52 -4.48 33.22
C HIS A 36 -3.68 -4.17 34.73
N GLU A 37 -2.71 -3.54 35.37
CA GLU A 37 -2.83 -3.26 36.81
C GLU A 37 -3.04 -1.76 37.12
N TRP A 38 -1.95 -1.03 37.36
CA TRP A 38 -2.01 0.42 37.64
C TRP A 38 -2.44 1.24 36.42
N LYS A 39 -2.34 0.62 35.24
CA LYS A 39 -2.65 1.28 33.96
C LYS A 39 -4.07 1.85 33.94
N MET A 40 -5.05 1.00 34.19
CA MET A 40 -6.38 1.49 34.44
C MET A 40 -6.30 2.19 35.79
N ALA A 41 -6.92 3.36 35.86
CA ALA A 41 -6.59 4.39 36.85
C ALA A 41 -5.91 5.54 36.13
N LEU A 42 -4.76 5.27 35.53
CA LEU A 42 -4.03 6.29 34.82
C LEU A 42 -4.67 6.64 33.49
N PHE A 43 -5.33 5.67 32.87
CA PHE A 43 -5.89 5.91 31.53
C PHE A 43 -7.39 5.75 31.57
N LYS A 44 -8.08 6.83 31.24
CA LYS A 44 -9.54 6.90 31.27
C LYS A 44 -10.13 6.09 30.12
N PRO A 45 -10.95 5.09 30.44
CA PRO A 45 -11.52 4.31 29.34
C PRO A 45 -12.47 5.12 28.47
N ALA A 46 -12.27 5.08 27.17
CA ALA A 46 -13.01 5.92 26.27
C ALA A 46 -14.15 5.11 25.67
N ASP A 47 -15.33 5.70 25.62
CA ASP A 47 -16.50 5.09 24.95
C ASP A 47 -16.41 5.49 23.48
N VAL A 48 -15.94 4.59 22.62
CA VAL A 48 -15.68 4.95 21.23
C VAL A 48 -16.83 4.40 20.43
N ILE A 49 -17.48 5.29 19.70
CA ILE A 49 -18.45 4.90 18.69
C ILE A 49 -18.11 5.48 17.32
N LEU A 50 -18.39 4.70 16.30
CA LEU A 50 -18.01 5.06 14.93
C LEU A 50 -18.97 6.05 14.34
N ASP A 51 -18.40 6.96 13.55
CA ASP A 51 -19.08 8.08 12.96
C ASP A 51 -19.29 7.78 11.48
N PRO A 52 -20.52 7.39 11.10
CA PRO A 52 -20.75 6.99 9.71
C PRO A 52 -20.56 8.11 8.70
N ASP A 53 -20.56 9.36 9.15
CA ASP A 53 -20.28 10.48 8.23
C ASP A 53 -18.81 10.54 7.76
N THR A 54 -17.90 9.91 8.51
CA THR A 54 -16.51 9.87 8.08
C THR A 54 -16.24 8.66 7.21
N ALA A 55 -17.05 7.61 7.37
CA ALA A 55 -16.72 6.32 6.78
C ALA A 55 -16.71 6.37 5.24
N ASN A 56 -15.67 5.81 4.64
CA ASN A 56 -15.65 5.55 3.21
C ASN A 56 -16.90 4.79 2.82
N ALA A 57 -17.38 5.07 1.61
CA ALA A 57 -18.65 4.54 1.13
C ALA A 57 -18.62 3.02 1.00
N ILE A 58 -17.44 2.41 1.06
CA ILE A 58 -17.33 0.95 1.00
C ILE A 58 -17.49 0.28 2.37
N LEU A 59 -17.60 1.08 3.43
CA LEU A 59 -17.66 0.51 4.78
C LEU A 59 -19.12 0.43 5.27
N LEU A 60 -19.40 -0.54 6.12
CA LEU A 60 -20.73 -0.71 6.70
C LEU A 60 -20.67 -0.56 8.22
N VAL A 61 -21.12 0.57 8.75
CA VAL A 61 -21.08 0.80 10.18
C VAL A 61 -22.36 0.22 10.79
N SER A 62 -22.24 -0.58 11.83
CA SER A 62 -23.41 -1.17 12.49
C SER A 62 -24.38 -0.13 13.09
N GLU A 63 -25.61 -0.54 13.39
CA GLU A 63 -26.58 0.40 13.93
C GLU A 63 -26.12 0.96 15.27
N ASP A 64 -25.57 0.07 16.12
CA ASP A 64 -25.03 0.46 17.43
C ASP A 64 -23.67 1.17 17.36
N GLN A 65 -23.09 1.27 16.17
CA GLN A 65 -21.93 2.12 15.94
C GLN A 65 -20.68 1.54 16.62
N ARG A 66 -20.70 0.23 16.87
CA ARG A 66 -19.56 -0.46 17.47
C ARG A 66 -18.79 -1.32 16.52
N SER A 67 -19.38 -1.67 15.37
CA SER A 67 -18.75 -2.58 14.47
C SER A 67 -18.69 -1.96 13.07
N VAL A 68 -17.66 -2.35 12.34
CA VAL A 68 -17.50 -1.92 10.95
C VAL A 68 -17.08 -3.11 10.13
N GLN A 69 -17.71 -3.26 8.99
CA GLN A 69 -17.47 -4.33 8.05
C GLN A 69 -17.21 -3.67 6.69
N ARG A 70 -16.62 -4.41 5.77
CA ARG A 70 -16.50 -3.89 4.43
C ARG A 70 -17.59 -4.48 3.57
N ALA A 71 -18.17 -3.64 2.71
CA ALA A 71 -19.16 -4.10 1.72
C ALA A 71 -18.47 -4.63 0.49
N GLU A 72 -19.24 -5.38 -0.30
CA GLU A 72 -18.79 -5.87 -1.59
C GLU A 72 -18.61 -4.71 -2.56
N GLU A 73 -19.47 -3.70 -2.50
CA GLU A 73 -19.42 -2.58 -3.44
C GLU A 73 -19.73 -1.29 -2.69
N PRO A 74 -19.21 -0.15 -3.16
CA PRO A 74 -19.47 1.09 -2.46
C PRO A 74 -20.94 1.48 -2.51
N ARG A 75 -21.44 2.09 -1.45
CA ARG A 75 -22.69 2.82 -1.50
C ARG A 75 -22.47 4.10 -2.30
N ASP A 76 -23.56 4.76 -2.65
CA ASP A 76 -23.53 5.96 -3.47
C ASP A 76 -23.87 7.18 -2.59
N LEU A 77 -22.84 7.90 -2.16
CA LEU A 77 -22.98 8.89 -1.09
C LEU A 77 -22.53 10.29 -1.52
N PRO A 78 -23.34 11.31 -1.26
CA PRO A 78 -23.00 12.60 -1.81
C PRO A 78 -21.78 13.15 -1.06
N ASP A 79 -21.15 14.17 -1.64
CA ASP A 79 -20.01 14.87 -1.03
C ASP A 79 -20.28 15.29 0.40
N ASN A 80 -19.33 15.01 1.26
CA ASN A 80 -19.44 15.36 2.68
C ASN A 80 -17.97 15.54 3.08
N PRO A 81 -17.58 16.79 3.39
CA PRO A 81 -16.19 17.04 3.84
C PRO A 81 -15.66 16.00 4.83
N GLU A 82 -16.53 15.49 5.70
CA GLU A 82 -16.07 14.52 6.75
C GLU A 82 -15.63 13.16 6.22
N ARG A 83 -16.07 12.81 5.02
CA ARG A 83 -15.99 11.42 4.59
C ARG A 83 -14.63 11.15 3.97
N PHE A 84 -14.07 9.99 4.26
CA PHE A 84 -12.85 9.54 3.61
C PHE A 84 -13.22 9.01 2.24
N GLU A 85 -12.69 9.65 1.21
CA GLU A 85 -12.96 9.25 -0.16
C GLU A 85 -11.94 8.30 -0.77
N TRP A 86 -10.74 8.21 -0.20
CA TRP A 86 -9.69 7.30 -0.73
C TRP A 86 -9.41 6.12 0.24
N HIS A 87 -9.01 6.45 1.48
CA HIS A 87 -8.72 5.42 2.49
C HIS A 87 -9.99 4.67 2.85
N TYR A 88 -9.87 3.36 3.07
CA TYR A 88 -10.96 2.58 3.57
C TYR A 88 -11.04 2.69 5.10
N CYS A 89 -11.41 3.89 5.56
CA CYS A 89 -11.27 4.36 6.95
C CYS A 89 -12.60 4.87 7.50
N VAL A 90 -12.77 4.70 8.81
CA VAL A 90 -13.83 5.32 9.59
C VAL A 90 -13.20 5.80 10.91
N LEU A 91 -13.68 6.93 11.42
CA LEU A 91 -13.25 7.49 12.69
C LEU A 91 -14.28 7.29 13.80
N GLY A 92 -13.80 7.34 15.04
CA GLY A 92 -14.65 7.59 16.21
C GLY A 92 -15.35 8.94 16.12
N CYS A 93 -16.44 9.10 16.87
CA CYS A 93 -17.19 10.36 16.81
C CYS A 93 -16.51 11.51 17.53
N GLU A 94 -15.76 11.20 18.59
CA GLU A 94 -15.07 12.21 19.39
C GLU A 94 -13.55 12.15 19.27
N ASN A 95 -12.93 13.32 19.35
CA ASN A 95 -11.49 13.38 19.34
C ASN A 95 -10.92 13.69 20.71
N PHE A 96 -9.58 13.56 20.83
CA PHE A 96 -8.83 13.84 22.06
C PHE A 96 -7.85 14.97 21.82
N THR A 97 -7.83 15.93 22.75
CA THR A 97 -6.90 17.06 22.69
C THR A 97 -6.03 17.13 23.93
N SER A 98 -6.30 16.29 24.91
CA SER A 98 -5.58 16.32 26.17
C SER A 98 -5.84 15.00 26.83
N GLY A 99 -4.94 14.58 27.71
CA GLY A 99 -5.24 13.51 28.64
C GLY A 99 -4.82 12.12 28.21
N ARG A 100 -5.13 11.18 29.08
CA ARG A 100 -4.86 9.76 28.88
C ARG A 100 -6.16 8.97 28.71
N HIS A 101 -6.16 8.07 27.72
CA HIS A 101 -7.36 7.39 27.26
C HIS A 101 -7.01 5.99 26.81
N TYR A 102 -7.95 5.07 27.00
CA TYR A 102 -7.77 3.69 26.57
C TYR A 102 -9.04 3.22 25.85
N TRP A 103 -8.90 2.42 24.80
CA TRP A 103 -10.04 1.69 24.26
C TRP A 103 -9.55 0.40 23.69
N GLU A 104 -10.47 -0.53 23.50
CA GLU A 104 -10.16 -1.89 23.08
C GLU A 104 -10.91 -2.22 21.82
N VAL A 105 -10.25 -2.92 20.91
CA VAL A 105 -10.85 -3.26 19.64
C VAL A 105 -10.74 -4.74 19.45
N GLU A 106 -11.87 -5.38 19.24
CA GLU A 106 -11.88 -6.80 18.96
C GLU A 106 -11.62 -7.04 17.50
N VAL A 107 -10.49 -7.66 17.20
CA VAL A 107 -10.11 -7.95 15.82
C VAL A 107 -10.38 -9.37 15.47
N GLY A 108 -10.54 -10.22 16.48
CA GLY A 108 -10.94 -11.60 16.25
C GLY A 108 -10.06 -12.31 15.24
N ASP A 109 -10.69 -13.08 14.36
CA ASP A 109 -9.96 -13.80 13.34
C ASP A 109 -9.85 -13.03 12.00
N ARG A 110 -10.19 -11.75 11.96
CA ARG A 110 -10.05 -11.01 10.70
C ARG A 110 -8.61 -11.03 10.22
N LYS A 111 -8.40 -11.31 8.93
CA LYS A 111 -7.04 -11.55 8.43
C LYS A 111 -6.35 -10.22 8.04
N GLU A 112 -7.11 -9.12 7.98
CA GLU A 112 -6.55 -7.82 7.63
C GLU A 112 -7.29 -6.75 8.40
N TRP A 113 -6.53 -5.84 9.01
CA TRP A 113 -7.06 -4.68 9.74
C TRP A 113 -5.89 -3.78 10.10
N HIS A 114 -6.17 -2.48 10.22
CA HIS A 114 -5.27 -1.56 10.89
C HIS A 114 -6.02 -0.54 11.71
N ILE A 115 -5.48 -0.25 12.89
CA ILE A 115 -6.15 0.62 13.85
C ILE A 115 -5.14 1.50 14.58
N GLY A 116 -5.63 2.59 15.13
CA GLY A 116 -4.83 3.46 15.96
C GLY A 116 -5.52 4.78 16.14
N VAL A 117 -4.79 5.87 15.87
CA VAL A 117 -5.37 7.20 15.91
C VAL A 117 -4.86 7.94 14.69
N CYS A 118 -5.58 9.00 14.34
CA CYS A 118 -5.10 9.98 13.37
C CYS A 118 -5.50 11.39 13.72
N SER A 119 -4.81 12.36 13.11
CA SER A 119 -5.08 13.76 13.40
C SER A 119 -6.40 14.18 12.78
N LYS A 120 -7.06 15.13 13.42
CA LYS A 120 -8.28 15.72 12.87
C LYS A 120 -8.13 16.16 11.43
N ASN A 121 -6.97 16.74 11.13
CA ASN A 121 -6.73 17.40 9.85
C ASN A 121 -6.04 16.54 8.77
N VAL A 122 -6.13 15.21 8.85
CA VAL A 122 -5.57 14.37 7.79
C VAL A 122 -6.21 14.70 6.45
N GLU A 123 -5.55 14.34 5.36
CA GLU A 123 -6.15 14.54 4.05
C GLU A 123 -7.17 13.43 3.74
N ARG A 124 -8.46 13.81 3.65
CA ARG A 124 -9.55 12.86 3.49
C ARG A 124 -9.97 12.63 2.04
N LYS A 125 -9.46 13.45 1.13
CA LYS A 125 -9.93 13.41 -0.25
C LYS A 125 -8.89 12.86 -1.25
N LYS A 126 -7.62 13.13 -1.00
CA LYS A 126 -6.56 12.82 -1.96
C LYS A 126 -6.17 11.35 -2.04
N GLY A 127 -5.90 10.93 -3.27
CA GLY A 127 -5.48 9.56 -3.55
C GLY A 127 -4.09 9.20 -3.08
N TRP A 128 -3.93 7.94 -2.73
CA TRP A 128 -2.64 7.33 -2.52
C TRP A 128 -1.78 8.06 -1.49
N VAL A 129 -2.41 8.60 -0.44
CA VAL A 129 -1.64 9.19 0.64
C VAL A 129 -1.21 8.06 1.57
N LYS A 130 0.10 7.92 1.79
CA LYS A 130 0.62 6.84 2.64
C LYS A 130 0.20 6.98 4.11
N MET A 131 -0.19 5.88 4.75
CA MET A 131 -0.54 5.90 6.15
C MET A 131 0.72 5.84 7.04
N THR A 132 1.13 7.02 7.52
CA THR A 132 2.38 7.26 8.26
C THR A 132 2.20 8.41 9.28
N PRO A 133 3.01 8.42 10.34
CA PRO A 133 2.90 9.51 11.28
C PRO A 133 3.02 10.89 10.60
N GLU A 134 3.94 11.00 9.66
CA GLU A 134 4.14 12.23 8.92
C GLU A 134 2.85 12.68 8.19
N ASN A 135 2.01 11.75 7.76
CA ASN A 135 0.69 12.12 7.24
C ASN A 135 -0.44 12.10 8.25
N GLY A 136 -0.08 11.97 9.51
CA GLY A 136 -1.06 12.15 10.59
C GLY A 136 -1.68 10.86 11.13
N TYR A 137 -1.04 9.71 10.86
CA TYR A 137 -1.58 8.41 11.30
C TYR A 137 -0.60 7.69 12.22
N TRP A 138 -1.11 7.13 13.33
CA TRP A 138 -0.31 6.28 14.18
C TRP A 138 -1.01 4.94 14.36
N THR A 139 -0.70 3.99 13.48
CA THR A 139 -1.51 2.80 13.34
C THR A 139 -0.65 1.55 13.33
N MET A 140 -1.27 0.40 13.65
CA MET A 140 -0.65 -0.90 13.45
C MET A 140 -1.74 -1.92 13.09
N GLY A 141 -1.34 -3.04 12.54
CA GLY A 141 -2.24 -4.15 12.33
C GLY A 141 -1.65 -5.25 11.46
N LEU A 142 -2.53 -5.89 10.70
CA LEU A 142 -2.30 -7.25 10.20
C LEU A 142 -2.57 -7.26 8.70
N THR A 143 -1.72 -7.94 7.95
CA THR A 143 -1.95 -8.26 6.56
C THR A 143 -1.86 -9.77 6.32
N ASP A 144 -2.73 -10.30 5.46
CA ASP A 144 -2.69 -11.74 5.05
C ASP A 144 -2.68 -12.72 6.24
N GLY A 145 -3.36 -12.37 7.31
CA GLY A 145 -3.45 -13.24 8.49
C GLY A 145 -2.19 -13.43 9.32
N ASN A 146 -1.05 -13.03 8.81
CA ASN A 146 0.18 -13.36 9.52
C ASN A 146 1.26 -12.30 9.57
N LYS A 147 1.08 -11.15 8.88
CA LYS A 147 2.11 -10.12 8.90
C LYS A 147 1.67 -8.90 9.69
N TYR A 148 2.20 -8.79 10.91
CA TYR A 148 1.91 -7.67 11.74
C TYR A 148 2.95 -6.57 11.44
N ARG A 149 2.50 -5.33 11.44
CA ARG A 149 3.36 -4.16 11.14
C ARG A 149 2.90 -2.97 11.99
N ALA A 150 3.86 -2.11 12.39
CA ALA A 150 3.56 -0.74 12.83
C ALA A 150 3.82 0.19 11.63
N LEU A 151 2.85 1.04 11.32
CA LEU A 151 2.90 1.77 10.07
C LEU A 151 3.67 3.07 10.32
N THR A 152 4.90 2.90 10.78
CA THR A 152 5.99 3.86 10.61
C THR A 152 6.46 3.94 9.16
N GLU A 153 7.26 4.95 8.85
CA GLU A 153 8.00 4.97 7.59
C GLU A 153 9.51 4.96 7.84
N PRO A 154 10.21 3.95 7.35
CA PRO A 154 9.59 2.77 6.72
C PRO A 154 8.86 1.93 7.79
N ARG A 155 8.09 0.97 7.35
CA ARG A 155 7.30 0.14 8.24
C ARG A 155 8.15 -0.63 9.24
N THR A 156 7.59 -0.86 10.41
CA THR A 156 8.29 -1.66 11.40
C THR A 156 7.59 -3.01 11.50
N ASN A 157 8.35 -4.07 11.30
CA ASN A 157 7.78 -5.40 11.26
C ASN A 157 7.74 -5.95 12.66
N LEU A 158 6.60 -6.51 13.04
CA LEU A 158 6.37 -6.87 14.42
C LEU A 158 6.25 -8.38 14.48
N LYS A 159 6.79 -9.00 15.53
CA LYS A 159 6.71 -10.44 15.69
C LYS A 159 5.85 -10.74 16.91
N LEU A 160 4.70 -11.37 16.67
CA LEU A 160 3.71 -11.64 17.70
C LEU A 160 3.83 -13.13 18.01
N PRO A 161 4.08 -13.47 19.28
CA PRO A 161 4.14 -14.87 19.67
C PRO A 161 2.77 -15.54 19.57
N GLU A 162 1.71 -14.78 19.84
CA GLU A 162 0.31 -15.25 19.61
C GLU A 162 -0.45 -14.15 18.91
N PRO A 163 -1.35 -14.51 17.97
CA PRO A 163 -2.24 -13.50 17.40
C PRO A 163 -3.16 -12.91 18.46
N PRO A 164 -3.20 -11.58 18.57
CA PRO A 164 -4.15 -10.97 19.47
C PRO A 164 -5.56 -11.01 18.91
N ARG A 165 -6.55 -11.11 19.78
CA ARG A 165 -7.96 -11.05 19.36
C ARG A 165 -8.63 -9.77 19.76
N LYS A 166 -8.11 -9.16 20.81
CA LYS A 166 -8.54 -7.84 21.24
C LYS A 166 -7.28 -7.03 21.40
N VAL A 167 -7.33 -5.79 20.95
CA VAL A 167 -6.15 -4.94 20.96
C VAL A 167 -6.48 -3.73 21.81
N GLY A 168 -5.71 -3.53 22.89
CA GLY A 168 -5.85 -2.38 23.75
C GLY A 168 -5.00 -1.25 23.20
N ILE A 169 -5.58 -0.07 23.12
CA ILE A 169 -4.88 1.12 22.67
C ILE A 169 -4.82 2.13 23.82
N PHE A 170 -3.59 2.45 24.26
CA PHE A 170 -3.38 3.46 25.25
C PHE A 170 -2.84 4.72 24.58
N LEU A 171 -3.52 5.84 24.82
CA LEU A 171 -3.05 7.13 24.32
C LEU A 171 -2.78 8.11 25.47
N ASP A 172 -1.60 8.71 25.44
CA ASP A 172 -1.28 9.77 26.38
C ASP A 172 -0.92 11.00 25.55
N TYR A 173 -1.90 11.88 25.42
CA TYR A 173 -1.78 13.00 24.52
C TYR A 173 -0.55 13.81 24.86
N GLU A 174 -0.41 14.20 26.13
CA GLU A 174 0.59 15.20 26.48
C GLU A 174 1.99 14.63 26.36
N THR A 175 2.17 13.36 26.68
CA THR A 175 3.50 12.79 26.59
C THR A 175 3.79 12.29 25.18
N GLY A 176 2.77 12.22 24.32
CA GLY A 176 3.02 11.87 22.91
C GLY A 176 3.27 10.40 22.71
N GLU A 177 2.55 9.57 23.46
CA GLU A 177 2.71 8.13 23.40
C GLU A 177 1.41 7.43 23.02
N ILE A 178 1.50 6.54 22.04
CA ILE A 178 0.44 5.63 21.76
C ILE A 178 0.99 4.21 21.67
N SER A 179 0.36 3.32 22.43
CA SER A 179 0.81 1.97 22.65
C SER A 179 -0.29 1.00 22.33
N PHE A 180 0.11 -0.20 21.91
CA PHE A 180 -0.80 -1.24 21.51
C PHE A 180 -0.46 -2.48 22.35
N TYR A 181 -1.50 -3.16 22.82
CA TYR A 181 -1.40 -4.32 23.71
C TYR A 181 -2.37 -5.42 23.27
N ASN A 182 -1.99 -6.67 23.48
CA ASN A 182 -2.99 -7.74 23.53
C ASN A 182 -3.82 -7.54 24.78
N ALA A 183 -5.09 -7.15 24.63
CA ALA A 183 -5.92 -6.73 25.77
C ALA A 183 -6.46 -7.85 26.67
N THR A 184 -6.36 -9.08 26.22
CA THR A 184 -6.82 -10.20 27.03
C THR A 184 -5.75 -10.73 27.97
N ASP A 185 -4.52 -10.87 27.51
CA ASP A 185 -3.43 -11.19 28.45
C ASP A 185 -2.60 -9.98 28.88
N GLY A 186 -2.89 -8.82 28.31
CA GLY A 186 -2.25 -7.58 28.72
C GLY A 186 -0.82 -7.44 28.25
N SER A 187 -0.42 -8.19 27.22
CA SER A 187 0.94 -8.17 26.75
C SER A 187 1.21 -6.99 25.80
N HIS A 188 2.23 -6.19 26.11
CA HIS A 188 2.64 -5.13 25.21
C HIS A 188 3.07 -5.63 23.83
N ILE A 189 2.58 -4.95 22.79
CA ILE A 189 3.02 -5.25 21.44
C ILE A 189 4.01 -4.18 20.93
N TYR A 190 3.56 -2.92 20.88
CA TYR A 190 4.35 -1.88 20.23
C TYR A 190 3.96 -0.52 20.69
N THR A 191 4.94 0.34 20.93
CA THR A 191 4.67 1.75 21.27
C THR A 191 5.41 2.62 20.27
N PHE A 192 4.73 3.60 19.67
CA PHE A 192 5.41 4.45 18.66
C PHE A 192 6.51 5.28 19.30
N PRO A 193 7.52 5.68 18.48
CA PRO A 193 8.35 6.80 18.91
C PRO A 193 7.52 7.98 19.37
N HIS A 194 8.07 8.79 20.28
CA HIS A 194 7.38 9.97 20.76
C HIS A 194 6.81 10.78 19.58
N ALA A 195 5.57 11.22 19.72
CA ALA A 195 4.99 12.24 18.82
C ALA A 195 4.64 13.54 19.60
N SER A 196 4.85 14.72 19.02
CA SER A 196 4.28 15.91 19.64
C SER A 196 3.00 16.29 18.92
N PHE A 197 1.88 15.90 19.50
CA PHE A 197 0.61 16.03 18.84
C PHE A 197 0.19 17.49 18.89
N SER A 198 -0.15 18.06 17.75
CA SER A 198 -0.53 19.47 17.69
C SER A 198 -1.88 19.60 17.05
N GLU A 199 -2.58 18.48 16.94
CA GLU A 199 -3.94 18.46 16.44
C GLU A 199 -4.72 17.51 17.29
N PRO A 200 -6.05 17.67 17.29
CA PRO A 200 -6.88 16.64 17.94
C PRO A 200 -6.74 15.30 17.24
N LEU A 201 -6.87 14.22 18.01
CA LEU A 201 -6.67 12.86 17.53
C LEU A 201 -7.98 12.10 17.58
N TYR A 202 -8.25 11.34 16.52
CA TYR A 202 -9.40 10.42 16.51
C TYR A 202 -8.94 8.98 16.56
N PRO A 203 -9.75 8.11 17.19
CA PRO A 203 -9.59 6.72 16.83
C PRO A 203 -9.83 6.52 15.35
N VAL A 204 -9.03 5.67 14.73
CA VAL A 204 -9.18 5.41 13.33
C VAL A 204 -9.12 3.91 13.11
N PHE A 205 -9.92 3.47 12.16
CA PHE A 205 -10.07 2.05 11.79
C PHE A 205 -10.02 1.88 10.29
N ARG A 206 -9.15 0.98 9.83
CA ARG A 206 -9.05 0.69 8.41
C ARG A 206 -9.22 -0.79 8.16
N ILE A 207 -10.08 -1.12 7.18
CA ILE A 207 -10.17 -2.50 6.66
C ILE A 207 -10.25 -2.49 5.15
N LEU A 208 -9.39 -3.28 4.51
CA LEU A 208 -9.23 -3.21 3.06
C LEU A 208 -10.00 -4.29 2.36
N THR A 209 -10.19 -5.41 3.05
CA THR A 209 -10.61 -6.66 2.44
C THR A 209 -12.03 -7.03 2.85
N LEU A 210 -12.66 -7.88 2.04
CA LEU A 210 -14.00 -8.36 2.29
C LEU A 210 -13.79 -9.66 3.02
N GLU A 211 -14.23 -9.74 4.27
CA GLU A 211 -14.25 -11.02 4.94
C GLU A 211 -15.28 -11.09 6.04
N PRO A 212 -15.48 -12.29 6.58
CA PRO A 212 -16.66 -12.53 7.39
C PRO A 212 -16.66 -11.78 8.70
N THR A 213 -15.50 -11.57 9.30
CA THR A 213 -15.49 -11.03 10.67
C THR A 213 -15.32 -9.53 10.65
N ALA A 214 -16.18 -8.82 11.36
CA ALA A 214 -16.10 -7.37 11.52
C ALA A 214 -15.02 -6.94 12.52
N LEU A 215 -14.71 -5.64 12.51
CA LEU A 215 -13.97 -5.01 13.59
C LEU A 215 -14.94 -4.47 14.61
N THR A 216 -14.71 -4.73 15.88
CA THR A 216 -15.69 -4.37 16.89
C THR A 216 -15.07 -3.67 18.09
N ILE A 217 -15.68 -2.55 18.50
CA ILE A 217 -15.21 -1.81 19.65
C ILE A 217 -15.85 -2.42 20.89
N CYS A 218 -15.03 -2.77 21.86
CA CYS A 218 -15.49 -3.43 23.06
C CYS A 218 -16.02 -2.39 24.02
N PRO A 219 -17.04 -2.76 24.79
CA PRO A 219 -17.62 -1.87 25.78
C PRO A 219 -16.73 -1.74 27.00
N ILE A 220 -17.01 -0.71 27.79
CA ILE A 220 -16.01 -0.01 28.62
C ILE A 220 -15.47 -0.80 29.83
N PRO A 221 -16.37 -1.29 30.70
CA PRO A 221 -15.88 -1.89 31.96
C PRO A 221 -15.74 -3.40 31.88
N ALA B 34 26.61 1.11 -20.62
CA ALA B 34 27.83 0.56 -21.30
C ALA B 34 28.28 -0.74 -20.64
N TYR B 35 28.55 -0.69 -19.33
CA TYR B 35 29.17 -1.82 -18.59
C TYR B 35 28.41 -3.16 -18.69
N HIS B 36 27.12 -3.08 -18.98
CA HIS B 36 26.24 -4.24 -19.08
C HIS B 36 25.95 -4.65 -20.53
N GLU B 37 26.65 -4.00 -21.48
CA GLU B 37 26.53 -4.35 -22.90
C GLU B 37 26.64 -5.85 -23.19
N TRP B 38 27.64 -6.54 -22.61
CA TRP B 38 27.78 -7.99 -22.86
C TRP B 38 26.49 -8.71 -22.48
N LYS B 39 25.86 -8.23 -21.42
CA LYS B 39 24.61 -8.84 -20.95
C LYS B 39 23.48 -8.64 -21.98
N MET B 40 23.57 -7.58 -22.77
CA MET B 40 22.58 -7.32 -23.79
C MET B 40 22.80 -8.16 -25.04
N ALA B 41 23.89 -8.93 -25.05
CA ALA B 41 24.09 -9.87 -26.12
C ALA B 41 23.57 -11.25 -25.77
N LEU B 42 23.47 -11.57 -24.49
CA LEU B 42 22.97 -12.87 -24.04
C LEU B 42 21.49 -12.81 -23.70
N PHE B 43 20.97 -11.59 -23.55
CA PHE B 43 19.55 -11.41 -23.28
C PHE B 43 18.89 -10.83 -24.52
N LYS B 44 17.87 -11.51 -25.00
CA LYS B 44 17.18 -11.11 -26.22
C LYS B 44 16.41 -9.80 -25.99
N PRO B 45 16.71 -8.77 -26.79
CA PRO B 45 15.99 -7.52 -26.66
C PRO B 45 14.53 -7.70 -27.00
N ALA B 46 13.65 -7.32 -26.07
CA ALA B 46 12.22 -7.44 -26.30
C ALA B 46 11.63 -6.15 -26.85
N ASP B 47 10.67 -6.31 -27.75
CA ASP B 47 9.95 -5.17 -28.31
C ASP B 47 8.63 -5.05 -27.54
N VAL B 48 8.59 -4.12 -26.58
CA VAL B 48 7.51 -4.08 -25.59
C VAL B 48 6.56 -2.94 -25.97
N ILE B 49 5.31 -3.28 -26.24
CA ILE B 49 4.30 -2.24 -26.42
C ILE B 49 3.22 -2.39 -25.37
N LEU B 50 2.70 -1.26 -24.93
CA LEU B 50 1.72 -1.25 -23.89
C LEU B 50 0.36 -1.68 -24.41
N ASP B 51 -0.35 -2.48 -23.59
CA ASP B 51 -1.67 -3.01 -23.91
C ASP B 51 -2.74 -2.14 -23.22
N PRO B 52 -3.43 -1.28 -23.99
CA PRO B 52 -4.52 -0.45 -23.46
C PRO B 52 -5.62 -1.25 -22.89
N ASP B 53 -5.83 -2.47 -23.40
CA ASP B 53 -6.87 -3.32 -22.84
C ASP B 53 -6.63 -3.66 -21.34
N THR B 54 -5.39 -3.63 -20.87
CA THR B 54 -5.07 -3.91 -19.45
C THR B 54 -5.08 -2.64 -18.62
N ALA B 55 -4.95 -1.50 -19.26
CA ALA B 55 -4.71 -0.26 -18.51
C ALA B 55 -5.89 0.17 -17.61
N ASN B 56 -5.57 0.51 -16.38
CA ASN B 56 -6.53 1.11 -15.48
C ASN B 56 -7.11 2.34 -16.14
N ALA B 57 -8.38 2.60 -15.86
CA ALA B 57 -9.08 3.78 -16.37
C ALA B 57 -8.37 5.13 -16.18
N ILE B 58 -7.54 5.26 -15.14
CA ILE B 58 -6.82 6.54 -14.91
C ILE B 58 -5.53 6.70 -15.75
N LEU B 59 -5.18 5.68 -16.52
CA LEU B 59 -3.95 5.73 -17.32
C LEU B 59 -4.21 6.12 -18.79
N LEU B 60 -3.26 6.86 -19.37
CA LEU B 60 -3.33 7.25 -20.76
C LEU B 60 -2.18 6.59 -21.53
N VAL B 61 -2.49 5.66 -22.43
CA VAL B 61 -1.49 4.97 -23.23
C VAL B 61 -1.42 5.68 -24.57
N SER B 62 -0.21 6.08 -24.97
CA SER B 62 0.01 6.80 -26.24
C SER B 62 -0.43 5.96 -27.44
N GLU B 63 -0.64 6.66 -28.55
CA GLU B 63 -1.08 6.05 -29.78
C GLU B 63 -0.07 4.96 -30.25
N ASP B 64 1.22 5.25 -30.13
CA ASP B 64 2.24 4.32 -30.57
C ASP B 64 2.52 3.25 -29.48
N GLN B 65 1.80 3.28 -28.38
CA GLN B 65 1.88 2.24 -27.32
C GLN B 65 3.25 2.12 -26.68
N ARG B 66 4.02 3.21 -26.74
CA ARG B 66 5.32 3.29 -26.11
C ARG B 66 5.32 4.05 -24.79
N SER B 67 4.33 4.92 -24.56
CA SER B 67 4.31 5.77 -23.39
C SER B 67 3.02 5.62 -22.59
N VAL B 68 3.15 5.91 -21.30
CA VAL B 68 2.02 5.95 -20.42
C VAL B 68 2.12 7.15 -19.48
N GLN B 69 0.96 7.75 -19.22
CA GLN B 69 0.83 8.93 -18.40
C GLN B 69 -0.40 8.74 -17.51
N ARG B 70 -0.45 9.43 -16.38
CA ARG B 70 -1.62 9.38 -15.55
C ARG B 70 -2.55 10.54 -15.88
N ALA B 71 -3.83 10.22 -16.01
CA ALA B 71 -4.83 11.25 -16.22
C ALA B 71 -5.17 11.95 -14.90
N GLU B 72 -5.77 13.13 -15.00
CA GLU B 72 -6.26 13.83 -13.81
C GLU B 72 -7.43 13.09 -13.17
N GLU B 73 -8.36 12.61 -14.01
CA GLU B 73 -9.52 11.84 -13.56
C GLU B 73 -9.66 10.58 -14.39
N PRO B 74 -10.34 9.55 -13.85
CA PRO B 74 -10.40 8.32 -14.64
C PRO B 74 -11.37 8.40 -15.82
N ARG B 75 -11.05 7.69 -16.89
CA ARG B 75 -12.02 7.50 -17.98
C ARG B 75 -13.09 6.57 -17.48
N ASP B 76 -14.05 6.24 -18.33
CA ASP B 76 -15.13 5.35 -17.91
C ASP B 76 -15.13 4.08 -18.78
N LEU B 77 -14.34 3.10 -18.37
CA LEU B 77 -13.96 2.00 -19.23
C LEU B 77 -14.63 0.75 -18.74
N PRO B 78 -14.89 -0.22 -19.63
CA PRO B 78 -15.49 -1.48 -19.16
C PRO B 78 -14.51 -2.29 -18.28
N ASP B 79 -14.99 -3.05 -17.31
CA ASP B 79 -14.07 -3.90 -16.59
C ASP B 79 -14.17 -5.29 -17.22
N ASN B 80 -13.70 -5.32 -18.45
CA ASN B 80 -13.37 -6.54 -19.10
C ASN B 80 -12.23 -7.27 -18.37
N PRO B 81 -12.15 -8.59 -18.51
CA PRO B 81 -11.24 -9.42 -17.73
C PRO B 81 -9.79 -8.94 -17.70
N GLU B 82 -9.29 -8.43 -18.82
CA GLU B 82 -7.88 -8.07 -18.90
C GLU B 82 -7.55 -6.79 -18.12
N ARG B 83 -8.56 -5.99 -17.77
CA ARG B 83 -8.32 -4.66 -17.21
C ARG B 83 -8.01 -4.67 -15.71
N PHE B 84 -7.00 -3.89 -15.34
CA PHE B 84 -6.74 -3.57 -13.96
C PHE B 84 -7.77 -2.61 -13.45
N GLU B 85 -8.59 -3.10 -12.52
CA GLU B 85 -9.68 -2.29 -11.97
C GLU B 85 -9.24 -1.42 -10.83
N TRP B 86 -8.22 -1.87 -10.12
CA TRP B 86 -7.77 -1.21 -8.90
C TRP B 86 -6.39 -0.57 -9.09
N HIS B 87 -5.38 -1.42 -9.37
CA HIS B 87 -4.00 -0.97 -9.51
C HIS B 87 -3.93 0.02 -10.66
N TYR B 88 -3.13 1.05 -10.47
CA TYR B 88 -2.88 2.03 -11.52
C TYR B 88 -1.80 1.49 -12.47
N CYS B 89 -2.10 0.35 -13.10
CA CYS B 89 -1.15 -0.44 -13.83
C CYS B 89 -1.52 -0.60 -15.30
N VAL B 90 -0.52 -0.92 -16.10
CA VAL B 90 -0.68 -1.33 -17.47
C VAL B 90 0.42 -2.33 -17.78
N LEU B 91 0.09 -3.34 -18.57
CA LEU B 91 1.04 -4.38 -18.98
C LEU B 91 1.54 -4.20 -20.38
N GLY B 92 2.67 -4.83 -20.69
CA GLY B 92 3.01 -5.15 -22.07
C GLY B 92 2.00 -6.06 -22.76
N CYS B 93 2.04 -6.06 -24.09
CA CYS B 93 1.16 -6.90 -24.89
C CYS B 93 1.50 -8.37 -24.83
N GLU B 94 2.77 -8.69 -24.60
CA GLU B 94 3.23 -10.09 -24.67
C GLU B 94 3.87 -10.49 -23.34
N ASN B 95 3.77 -11.78 -23.01
CA ASN B 95 4.41 -12.33 -21.83
C ASN B 95 5.58 -13.24 -22.22
N PHE B 96 6.40 -13.56 -21.22
CA PHE B 96 7.56 -14.43 -21.36
C PHE B 96 7.33 -15.70 -20.55
N THR B 97 7.63 -16.85 -21.15
CA THR B 97 7.42 -18.15 -20.51
C THR B 97 8.73 -18.89 -20.28
N SER B 98 9.81 -18.40 -20.89
CA SER B 98 11.12 -18.99 -20.80
C SER B 98 12.11 -18.02 -21.42
N GLY B 99 13.39 -18.34 -21.27
CA GLY B 99 14.46 -17.65 -21.96
C GLY B 99 14.91 -16.37 -21.27
N ARG B 100 15.76 -15.63 -21.94
CA ARG B 100 16.31 -14.40 -21.38
C ARG B 100 15.89 -13.21 -22.23
N HIS B 101 15.57 -12.10 -21.58
CA HIS B 101 14.88 -11.00 -22.25
C HIS B 101 15.25 -9.71 -21.54
N TYR B 102 15.36 -8.61 -22.28
CA TYR B 102 15.53 -7.33 -21.65
C TYR B 102 14.87 -6.19 -22.41
N TRP B 103 14.53 -5.14 -21.68
CA TRP B 103 13.97 -3.95 -22.26
C TRP B 103 14.33 -2.78 -21.38
N GLU B 104 14.26 -1.58 -21.94
CA GLU B 104 14.65 -0.38 -21.24
C GLU B 104 13.47 0.55 -21.12
N VAL B 105 13.38 1.22 -19.98
CA VAL B 105 12.28 2.15 -19.75
C VAL B 105 12.86 3.50 -19.40
N GLU B 106 12.40 4.55 -20.09
CA GLU B 106 12.86 5.90 -19.81
C GLU B 106 11.92 6.52 -18.76
N VAL B 107 12.44 6.67 -17.56
CA VAL B 107 11.66 7.19 -16.44
C VAL B 107 11.87 8.70 -16.31
N GLY B 108 12.91 9.20 -16.96
CA GLY B 108 13.23 10.61 -16.93
C GLY B 108 13.23 11.16 -15.52
N ASP B 109 12.65 12.34 -15.37
CA ASP B 109 12.63 13.00 -14.06
C ASP B 109 11.29 12.80 -13.32
N ARG B 110 10.49 11.83 -13.75
CA ARG B 110 9.24 11.55 -13.03
C ARG B 110 9.54 11.26 -11.57
N LYS B 111 8.75 11.86 -10.69
CA LYS B 111 9.02 11.77 -9.28
C LYS B 111 8.43 10.52 -8.63
N GLU B 112 7.74 9.70 -9.41
CA GLU B 112 7.08 8.50 -8.87
C GLU B 112 6.81 7.54 -10.00
N TRP B 113 7.19 6.28 -9.80
CA TRP B 113 6.97 5.24 -10.79
C TRP B 113 7.47 3.92 -10.18
N HIS B 114 6.84 2.83 -10.59
CA HIS B 114 7.33 1.50 -10.26
C HIS B 114 7.15 0.58 -11.46
N ILE B 115 8.20 -0.17 -11.80
CA ILE B 115 8.20 -0.99 -13.01
C ILE B 115 8.82 -2.34 -12.72
N GLY B 116 8.53 -3.30 -13.59
CA GLY B 116 9.14 -4.63 -13.50
C GLY B 116 8.33 -5.61 -14.28
N VAL B 117 8.09 -6.78 -13.67
CA VAL B 117 7.25 -7.77 -14.26
C VAL B 117 6.22 -8.26 -13.28
N CYS B 118 5.12 -8.78 -13.82
CA CYS B 118 4.16 -9.46 -12.96
C CYS B 118 3.66 -10.74 -13.61
N SER B 119 3.09 -11.62 -12.78
CA SER B 119 2.54 -12.89 -13.29
C SER B 119 1.29 -12.71 -14.14
N LYS B 120 1.12 -13.56 -15.16
CA LYS B 120 -0.09 -13.51 -16.01
C LYS B 120 -1.38 -13.56 -15.22
N ASN B 121 -1.33 -14.22 -14.07
CA ASN B 121 -2.49 -14.54 -13.30
C ASN B 121 -2.62 -13.69 -12.02
N VAL B 122 -2.00 -12.51 -11.98
CA VAL B 122 -2.32 -11.59 -10.88
C VAL B 122 -3.81 -11.28 -10.81
N GLU B 123 -4.25 -10.91 -9.61
CA GLU B 123 -5.63 -10.49 -9.36
C GLU B 123 -5.82 -9.10 -9.89
N ARG B 124 -6.61 -8.98 -10.94
CA ARG B 124 -6.81 -7.71 -11.63
C ARG B 124 -8.02 -6.93 -11.11
N LYS B 125 -8.85 -7.58 -10.29
CA LYS B 125 -10.11 -6.97 -9.84
C LYS B 125 -10.05 -6.57 -8.37
N LYS B 126 -9.53 -7.47 -7.55
CA LYS B 126 -9.51 -7.32 -6.09
C LYS B 126 -8.82 -6.00 -5.65
N GLY B 127 -9.47 -5.22 -4.77
CA GLY B 127 -8.90 -3.96 -4.30
C GLY B 127 -7.71 -4.15 -3.36
N TRP B 128 -6.79 -3.19 -3.34
CA TRP B 128 -5.80 -3.10 -2.26
C TRP B 128 -4.89 -4.30 -2.11
N VAL B 129 -4.58 -4.98 -3.19
CA VAL B 129 -3.52 -6.02 -3.18
C VAL B 129 -2.17 -5.31 -3.12
N LYS B 130 -1.37 -5.62 -2.09
CA LYS B 130 -0.05 -5.03 -1.97
C LYS B 130 0.81 -5.60 -3.12
N MET B 131 1.48 -4.74 -3.88
CA MET B 131 2.43 -5.22 -4.91
C MET B 131 3.65 -5.81 -4.27
N THR B 132 3.75 -7.13 -4.27
CA THR B 132 4.86 -7.86 -3.68
C THR B 132 5.03 -9.13 -4.54
N PRO B 133 6.21 -9.78 -4.48
CA PRO B 133 6.41 -11.06 -5.15
C PRO B 133 5.35 -12.08 -4.79
N GLU B 134 5.02 -12.19 -3.51
CA GLU B 134 4.03 -13.20 -3.12
C GLU B 134 2.72 -12.97 -3.83
N ASN B 135 2.40 -11.72 -4.16
CA ASN B 135 1.18 -11.44 -4.88
C ASN B 135 1.38 -11.42 -6.41
N GLY B 136 2.59 -11.72 -6.87
CA GLY B 136 2.85 -11.86 -8.30
C GLY B 136 3.50 -10.67 -8.97
N TYR B 137 4.08 -9.76 -8.18
CA TYR B 137 4.81 -8.58 -8.68
C TYR B 137 6.28 -8.55 -8.26
N TRP B 138 7.15 -8.34 -9.24
CA TRP B 138 8.53 -8.06 -9.00
C TRP B 138 8.82 -6.70 -9.59
N THR B 139 8.74 -5.68 -8.77
CA THR B 139 8.91 -4.31 -9.27
C THR B 139 9.81 -3.46 -8.39
N MET B 140 10.32 -2.37 -8.94
CA MET B 140 11.01 -1.42 -8.11
C MET B 140 10.79 -0.05 -8.71
N GLY B 141 11.14 0.99 -7.97
CA GLY B 141 11.09 2.33 -8.52
C GLY B 141 11.18 3.38 -7.45
N LEU B 142 10.43 4.45 -7.67
CA LEU B 142 10.68 5.73 -7.01
C LEU B 142 9.40 6.24 -6.37
N THR B 143 9.50 6.75 -5.16
CA THR B 143 8.40 7.43 -4.59
C THR B 143 8.80 8.77 -3.91
N ASP B 144 7.86 9.69 -3.84
CA ASP B 144 8.13 11.01 -3.21
C ASP B 144 9.43 11.66 -3.73
N GLY B 145 9.72 11.49 -5.02
CA GLY B 145 10.84 12.21 -5.67
C GLY B 145 12.24 11.70 -5.35
N ASN B 146 12.45 11.13 -4.16
CA ASN B 146 13.78 10.66 -3.84
C ASN B 146 13.91 9.38 -3.01
N LYS B 147 12.83 8.63 -2.83
CA LYS B 147 12.89 7.35 -2.12
C LYS B 147 12.82 6.16 -3.11
N TYR B 148 13.97 5.58 -3.39
CA TYR B 148 14.02 4.41 -4.25
C TYR B 148 13.80 3.18 -3.38
N ARG B 149 13.05 2.21 -3.91
CA ARG B 149 12.72 1.01 -3.14
C ARG B 149 12.56 -0.12 -4.14
N ALA B 150 12.89 -1.34 -3.69
CA ALA B 150 12.34 -2.55 -4.34
C ALA B 150 11.13 -3.00 -3.58
N LEU B 151 10.07 -3.34 -4.29
CA LEU B 151 8.82 -3.64 -3.64
C LEU B 151 8.78 -5.14 -3.26
N THR B 152 9.73 -5.52 -2.44
CA THR B 152 9.70 -6.75 -1.64
C THR B 152 8.74 -6.51 -0.48
N GLU B 153 8.51 -7.54 0.33
CA GLU B 153 7.88 -7.36 1.63
C GLU B 153 8.75 -7.94 2.74
N PRO B 154 9.29 -7.12 3.63
CA PRO B 154 9.13 -5.66 3.66
C PRO B 154 9.90 -4.98 2.51
N ARG B 155 9.54 -3.73 2.23
CA ARG B 155 10.19 -3.02 1.11
C ARG B 155 11.66 -2.85 1.38
N THR B 156 12.47 -2.87 0.30
CA THR B 156 13.87 -2.71 0.44
C THR B 156 14.20 -1.29 -0.02
N ASN B 157 14.78 -0.50 0.87
CA ASN B 157 15.21 0.88 0.52
C ASN B 157 16.55 0.87 -0.23
N LEU B 158 16.60 1.49 -1.41
CA LEU B 158 17.78 1.41 -2.26
C LEU B 158 18.52 2.75 -2.20
N LYS B 159 19.85 2.75 -2.10
CA LYS B 159 20.60 4.03 -2.16
C LYS B 159 21.37 4.16 -3.43
N LEU B 160 20.90 5.04 -4.28
CA LEU B 160 21.42 5.15 -5.59
C LEU B 160 22.29 6.39 -5.59
N PRO B 161 23.58 6.23 -5.88
CA PRO B 161 24.44 7.41 -5.98
C PRO B 161 23.89 8.47 -6.95
N GLU B 162 23.28 8.01 -8.04
CA GLU B 162 23.00 8.83 -9.23
C GLU B 162 21.54 8.46 -9.61
N PRO B 163 20.62 9.44 -9.72
CA PRO B 163 19.24 9.04 -10.10
C PRO B 163 19.19 8.45 -11.49
N PRO B 164 18.64 7.24 -11.64
CA PRO B 164 18.56 6.72 -12.99
C PRO B 164 17.54 7.44 -13.86
N ARG B 165 17.85 7.52 -15.15
CA ARG B 165 16.93 8.08 -16.12
C ARG B 165 16.40 7.05 -17.08
N LYS B 166 17.20 6.05 -17.36
CA LYS B 166 16.77 4.93 -18.16
C LYS B 166 17.10 3.69 -17.37
N VAL B 167 16.11 2.82 -17.25
CA VAL B 167 16.27 1.62 -16.46
C VAL B 167 16.21 0.43 -17.38
N GLY B 168 17.23 -0.40 -17.31
CA GLY B 168 17.28 -1.66 -18.04
C GLY B 168 16.75 -2.76 -17.16
N ILE B 169 15.82 -3.54 -17.74
CA ILE B 169 15.20 -4.64 -17.03
C ILE B 169 15.60 -5.92 -17.68
N PHE B 170 16.25 -6.81 -16.93
CA PHE B 170 16.69 -8.10 -17.43
C PHE B 170 15.92 -9.22 -16.78
N LEU B 171 15.49 -10.17 -17.60
CA LEU B 171 14.77 -11.35 -17.07
C LEU B 171 15.47 -12.60 -17.54
N ASP B 172 15.83 -13.46 -16.60
CA ASP B 172 16.25 -14.83 -16.93
C ASP B 172 15.30 -15.80 -16.27
N TYR B 173 14.32 -16.25 -17.06
CA TYR B 173 13.22 -17.04 -16.54
C TYR B 173 13.71 -18.27 -15.81
N GLU B 174 14.74 -18.93 -16.35
CA GLU B 174 15.16 -20.23 -15.80
C GLU B 174 15.93 -20.10 -14.49
N THR B 175 16.72 -19.04 -14.32
CA THR B 175 17.46 -18.83 -13.07
C THR B 175 16.64 -18.12 -12.02
N GLY B 176 15.51 -17.55 -12.42
CA GLY B 176 14.68 -16.78 -11.51
C GLY B 176 15.23 -15.37 -11.31
N GLU B 177 16.00 -14.88 -12.29
CA GLU B 177 16.63 -13.54 -12.19
C GLU B 177 15.70 -12.46 -12.78
N ILE B 178 15.27 -11.50 -11.98
CA ILE B 178 14.68 -10.25 -12.53
C ILE B 178 15.45 -9.06 -11.95
N SER B 179 16.14 -8.34 -12.82
CA SER B 179 17.17 -7.41 -12.36
C SER B 179 17.00 -6.10 -13.10
N PHE B 180 17.51 -5.06 -12.46
CA PHE B 180 17.33 -3.69 -12.86
C PHE B 180 18.69 -3.00 -12.87
N TYR B 181 18.95 -2.24 -13.92
CA TYR B 181 20.22 -1.61 -14.18
C TYR B 181 19.99 -0.17 -14.54
N ASN B 182 20.94 0.68 -14.18
CA ASN B 182 20.95 2.02 -14.78
C ASN B 182 21.49 1.83 -16.18
N ALA B 183 20.64 2.00 -17.17
CA ALA B 183 21.00 1.74 -18.55
C ALA B 183 21.93 2.77 -19.17
N THR B 184 22.12 3.90 -18.52
CA THR B 184 23.14 4.87 -18.98
C THR B 184 24.55 4.37 -18.73
N ASP B 185 24.85 3.96 -17.50
CA ASP B 185 26.22 3.54 -17.19
C ASP B 185 26.37 2.04 -17.09
N GLY B 186 25.26 1.31 -17.03
CA GLY B 186 25.33 -0.16 -16.95
C GLY B 186 25.59 -0.68 -15.54
N SER B 187 25.39 0.18 -14.55
CA SER B 187 25.56 -0.23 -13.16
C SER B 187 24.32 -0.99 -12.71
N HIS B 188 24.56 -2.09 -12.01
CA HIS B 188 23.48 -2.88 -11.43
C HIS B 188 22.83 -2.13 -10.25
N ILE B 189 21.51 -2.07 -10.25
CA ILE B 189 20.73 -1.52 -9.18
C ILE B 189 20.18 -2.57 -8.21
N TYR B 190 19.43 -3.55 -8.73
CA TYR B 190 18.75 -4.49 -7.84
C TYR B 190 18.37 -5.73 -8.61
N THR B 191 18.45 -6.86 -7.91
CA THR B 191 17.91 -8.15 -8.37
C THR B 191 17.07 -8.78 -7.26
N PHE B 192 15.89 -9.28 -7.61
CA PHE B 192 15.02 -9.90 -6.62
C PHE B 192 15.68 -11.16 -6.10
N PRO B 193 15.53 -11.42 -4.78
CA PRO B 193 16.21 -12.58 -4.25
C PRO B 193 15.32 -13.83 -4.33
N HIS B 194 15.96 -14.98 -4.47
CA HIS B 194 15.31 -16.32 -4.51
C HIS B 194 13.90 -16.31 -5.07
N ALA B 195 13.77 -15.90 -6.32
CA ALA B 195 12.48 -15.92 -7.02
C ALA B 195 12.39 -17.21 -7.83
N SER B 196 11.18 -17.74 -7.95
CA SER B 196 10.94 -18.93 -8.78
C SER B 196 9.66 -18.69 -9.57
N PHE B 197 9.78 -18.58 -10.89
CA PHE B 197 8.65 -18.20 -11.71
C PHE B 197 7.93 -19.46 -12.19
N SER B 198 6.64 -19.57 -11.90
CA SER B 198 5.83 -20.67 -12.42
C SER B 198 4.65 -20.20 -13.28
N GLU B 199 4.58 -18.90 -13.57
CA GLU B 199 3.61 -18.35 -14.50
C GLU B 199 4.33 -17.50 -15.55
N PRO B 200 3.67 -17.26 -16.68
CA PRO B 200 4.21 -16.30 -17.63
C PRO B 200 4.29 -14.93 -16.97
N LEU B 201 5.21 -14.12 -17.46
CA LEU B 201 5.49 -12.79 -16.91
C LEU B 201 5.25 -11.75 -17.97
N TYR B 202 4.57 -10.67 -17.57
CA TYR B 202 4.40 -9.50 -18.37
C TYR B 202 5.26 -8.38 -17.87
N PRO B 203 5.72 -7.53 -18.79
CA PRO B 203 6.16 -6.22 -18.31
C PRO B 203 5.00 -5.50 -17.61
N VAL B 204 5.25 -4.89 -16.45
CA VAL B 204 4.23 -4.10 -15.76
C VAL B 204 4.77 -2.69 -15.43
N PHE B 205 3.85 -1.73 -15.40
CA PHE B 205 4.16 -0.34 -15.07
C PHE B 205 3.06 0.23 -14.17
N ARG B 206 3.44 0.91 -13.08
CA ARG B 206 2.52 1.57 -12.18
C ARG B 206 2.92 3.01 -12.00
N ILE B 207 1.96 3.93 -12.14
CA ILE B 207 2.17 5.35 -11.81
C ILE B 207 0.98 5.92 -11.07
N LEU B 208 1.25 6.49 -9.91
CA LEU B 208 0.19 6.85 -8.96
C LEU B 208 -0.11 8.35 -9.02
N THR B 209 0.83 9.13 -9.51
CA THR B 209 0.83 10.56 -9.29
C THR B 209 0.52 11.23 -10.59
N LEU B 210 0.01 12.46 -10.49
CA LEU B 210 -0.17 13.31 -11.64
C LEU B 210 1.05 14.16 -11.81
N GLU B 211 1.79 13.95 -12.89
CA GLU B 211 2.87 14.87 -13.23
C GLU B 211 3.26 14.79 -14.69
N PRO B 212 4.07 15.75 -15.17
CA PRO B 212 4.17 15.94 -16.62
C PRO B 212 5.04 14.96 -17.36
N THR B 213 5.94 14.27 -16.67
CA THR B 213 6.83 13.36 -17.34
C THR B 213 6.16 11.97 -17.42
N ALA B 214 6.06 11.44 -18.63
CA ALA B 214 5.55 10.09 -18.86
C ALA B 214 6.63 9.04 -18.63
N LEU B 215 6.24 7.77 -18.56
CA LEU B 215 7.14 6.66 -18.76
C LEU B 215 7.11 6.20 -20.21
N THR B 216 8.28 5.93 -20.78
CA THR B 216 8.40 5.60 -22.19
C THR B 216 9.33 4.42 -22.42
N ILE B 217 8.87 3.46 -23.20
CA ILE B 217 9.65 2.26 -23.51
C ILE B 217 10.62 2.64 -24.59
N CYS B 218 11.90 2.36 -24.39
CA CYS B 218 12.93 2.76 -25.37
C CYS B 218 12.97 1.85 -26.59
N PRO B 219 13.32 2.43 -27.75
CA PRO B 219 13.39 1.64 -28.98
C PRO B 219 14.44 0.52 -28.90
N ILE B 220 14.08 -0.66 -29.37
CA ILE B 220 15.01 -1.78 -29.69
C ILE B 220 14.73 -2.93 -28.72
S SO4 C . 7.84 1.31 3.26
O1 SO4 C . 8.15 0.35 4.39
O2 SO4 C . 8.90 1.27 2.24
O3 SO4 C . 6.55 1.01 2.55
O4 SO4 C . 7.77 2.67 3.93
S SO4 D . -0.05 -0.04 3.65
O1 SO4 D . -0.81 -1.19 4.24
O2 SO4 D . 1.28 0.03 4.16
O3 SO4 D . -0.03 -0.30 2.21
O4 SO4 D . -0.77 1.23 4.00
S SO4 E . -26.43 -4.27 12.34
O1 SO4 E . -25.37 -4.80 11.44
O2 SO4 E . -26.29 -4.92 13.66
O3 SO4 E . -27.75 -4.59 11.73
O4 SO4 E . -26.29 -2.82 12.50
S SO4 F . -14.75 19.03 17.62
O1 SO4 F . -14.59 18.92 19.10
O2 SO4 F . -13.42 19.11 16.95
O3 SO4 F . -15.48 17.86 17.11
O4 SO4 F . -15.51 20.26 17.28
S SO4 G . 3.62 0.86 -1.73
O1 SO4 G . 4.28 2.00 -2.38
O2 SO4 G . 4.49 0.18 -0.77
O3 SO4 G . 3.22 -0.02 -2.84
O4 SO4 G . 2.49 1.32 -0.95
S SO4 H . -5.36 12.65 -6.96
O1 SO4 H . -4.43 11.50 -6.97
O2 SO4 H . -6.04 12.73 -5.64
O3 SO4 H . -6.39 12.41 -7.98
O4 SO4 H . -4.59 13.87 -7.31
S SO4 I . -12.63 -6.56 -3.79
O1 SO4 I . -11.98 -7.38 -4.84
O2 SO4 I . -11.65 -5.77 -3.03
O3 SO4 I . -13.29 -7.52 -2.88
O4 SO4 I . -13.57 -5.59 -4.42
S SO4 J . -0.99 -15.71 -24.04
O1 SO4 J . 0.09 -16.21 -24.93
O2 SO4 J . -0.61 -16.04 -22.63
O3 SO4 J . -2.27 -16.38 -24.35
O4 SO4 J . -1.15 -14.25 -24.23
#